data_3UBL
#
_entry.id   3UBL
#
_cell.length_a   82.591
_cell.length_b   82.591
_cell.length_c   175.701
_cell.angle_alpha   90.00
_cell.angle_beta   90.00
_cell.angle_gamma   90.00
#
_symmetry.space_group_name_H-M   'P 43 2 2'
#
loop_
_entity.id
_entity.type
_entity.pdbx_description
1 polymer 'Glutathione transferase'
2 non-polymer GLUTATHIONE
3 non-polymer 'SULFATE ION'
4 non-polymer GLYCEROL
5 non-polymer 'CHLORIDE ION'
6 non-polymer 'UNKNOWN ATOM OR ION'
7 water water
#
_entity_poly.entity_id   1
_entity_poly.type   'polypeptide(L)'
_entity_poly.pdbx_seq_one_letter_code
;MVMIKLHGASISNYVNKVKLGILEKGLEYEQIRIAPSQEEDFLKISPMGKIPVLEMDGKFIFESGAILEFLDTIFPQTPK
LIPEDPWEAARVREISTIIETYLDIPARRIYLPAAKVSPEIVEEVHSTLVKGIKALQRVVRFSPYIAGNVFTLADCSGFA
HLSVLDEELRPFYPNNHPLDLLNGWKEYFVFMKTKAGPALVEKDKQILKKILARAKTKIGAENLYFQSHHHHHHWSHPQF
EK
;
_entity_poly.pdbx_strand_id   A,B
#
loop_
_chem_comp.id
_chem_comp.type
_chem_comp.name
_chem_comp.formula
CL non-polymer 'CHLORIDE ION' 'Cl -1'
GOL non-polymer GLYCEROL 'C3 H8 O3'
GSH non-polymer GLUTATHIONE 'C10 H17 N3 O6 S'
SO4 non-polymer 'SULFATE ION' 'O4 S -2'
UNX non-polymer 'UNKNOWN ATOM OR ION' ?
#
# COMPACT_ATOMS: atom_id res chain seq x y z
N VAL A 2 6.64 -13.22 26.26
CA VAL A 2 6.30 -11.87 25.72
C VAL A 2 5.24 -11.99 24.62
N MET A 3 4.21 -11.17 24.72
CA MET A 3 3.05 -11.27 23.84
C MET A 3 3.37 -11.02 22.36
N ILE A 4 4.11 -9.94 22.09
CA ILE A 4 4.38 -9.50 20.73
C ILE A 4 5.83 -9.75 20.33
N LYS A 5 6.02 -10.42 19.20
CA LYS A 5 7.35 -10.57 18.60
C LYS A 5 7.41 -9.88 17.24
N LEU A 6 8.38 -9.02 17.05
CA LEU A 6 8.58 -8.37 15.77
C LEU A 6 9.80 -8.99 15.09
N HIS A 7 9.59 -9.72 14.01
CA HIS A 7 10.71 -10.35 13.28
C HIS A 7 11.24 -9.43 12.19
N GLY A 8 12.53 -9.11 12.25
CA GLY A 8 13.16 -8.22 11.28
C GLY A 8 14.20 -7.33 11.94
N ALA A 9 15.34 -7.15 11.28
CA ALA A 9 16.44 -6.36 11.83
C ALA A 9 16.20 -4.85 11.72
N SER A 10 16.87 -4.10 12.59
CA SER A 10 16.65 -2.65 12.68
C SER A 10 17.16 -1.83 11.51
N ILE A 11 17.80 -2.45 10.53
CA ILE A 11 18.22 -1.71 9.34
C ILE A 11 17.12 -1.57 8.32
N SER A 12 16.04 -2.35 8.49
CA SER A 12 14.91 -2.27 7.56
C SER A 12 13.99 -1.13 7.93
N ASN A 13 13.79 -0.20 6.99
CA ASN A 13 12.87 0.92 7.24
C ASN A 13 11.41 0.47 7.46
N TYR A 14 11.02 -0.63 6.85
CA TYR A 14 9.66 -1.15 7.07
C TYR A 14 9.56 -1.80 8.44
N VAL A 15 10.61 -2.45 8.90
CA VAL A 15 10.65 -2.91 10.29
C VAL A 15 10.52 -1.71 11.23
N ASN A 16 11.31 -0.67 10.98
CA ASN A 16 11.32 0.50 11.84
C ASN A 16 9.97 1.22 11.87
N LYS A 17 9.26 1.21 10.76
CA LYS A 17 7.92 1.82 10.70
C LYS A 17 7.02 1.17 11.76
N VAL A 18 7.02 -0.17 11.80
CA VAL A 18 6.21 -0.88 12.78
C VAL A 18 6.68 -0.60 14.21
N LYS A 19 8.00 -0.59 14.38
CA LYS A 19 8.63 -0.44 15.69
C LYS A 19 8.26 0.90 16.32
N LEU A 20 8.22 1.95 15.50
CA LEU A 20 7.80 3.27 15.94
C LEU A 20 6.39 3.25 16.54
N GLY A 21 5.49 2.52 15.90
CA GLY A 21 4.11 2.42 16.37
C GLY A 21 4.03 1.66 17.68
N ILE A 22 4.77 0.57 17.76
CA ILE A 22 4.84 -0.22 18.98
C ILE A 22 5.37 0.60 20.16
N LEU A 23 6.50 1.27 19.94
CA LEU A 23 7.12 2.08 20.98
C LEU A 23 6.21 3.22 21.42
N GLU A 24 5.58 3.91 20.46
CA GLU A 24 4.78 5.08 20.82
C GLU A 24 3.59 4.72 21.72
N LYS A 25 3.01 3.54 21.51
CA LYS A 25 1.91 3.01 22.33
C LYS A 25 2.39 2.48 23.68
N GLY A 26 3.70 2.27 23.79
CA GLY A 26 4.29 1.65 24.97
C GLY A 26 4.01 0.16 25.12
N LEU A 27 3.85 -0.55 24.01
CA LEU A 27 3.63 -1.98 24.07
C LEU A 27 4.92 -2.76 24.40
N GLU A 28 4.78 -3.89 25.08
CA GLU A 28 5.91 -4.78 25.32
C GLU A 28 6.09 -5.76 24.17
N TYR A 29 7.33 -5.86 23.70
CA TYR A 29 7.62 -6.75 22.59
C TYR A 29 9.09 -7.15 22.60
N GLU A 30 9.45 -8.12 21.78
CA GLU A 30 10.84 -8.44 21.53
C GLU A 30 11.06 -8.40 20.05
N GLN A 31 12.18 -7.83 19.63
CA GLN A 31 12.54 -7.84 18.23
C GLN A 31 13.48 -9.02 17.96
N ILE A 32 13.13 -9.83 16.97
CA ILE A 32 13.95 -10.98 16.56
C ILE A 32 14.64 -10.61 15.26
N ARG A 33 15.95 -10.38 15.36
CA ARG A 33 16.73 -9.91 14.22
C ARG A 33 16.95 -11.06 13.27
N ILE A 34 16.26 -11.03 12.14
CA ILE A 34 16.52 -11.95 11.07
C ILE A 34 16.64 -11.15 9.78
N ALA A 35 17.16 -11.81 8.75
CA ALA A 35 17.22 -11.24 7.41
C ALA A 35 16.08 -11.82 6.59
N PRO A 36 15.69 -11.14 5.49
CA PRO A 36 14.73 -11.77 4.59
C PRO A 36 15.25 -13.15 4.15
N SER A 37 14.40 -13.94 3.51
CA SER A 37 14.77 -15.31 3.14
C SER A 37 13.66 -16.04 2.38
N GLN A 38 14.05 -16.86 1.42
CA GLN A 38 13.09 -17.66 0.66
C GLN A 38 13.04 -19.11 1.11
N GLU A 39 13.63 -19.41 2.26
CA GLU A 39 13.56 -20.76 2.80
C GLU A 39 12.10 -21.13 3.09
N GLU A 40 11.68 -22.30 2.61
CA GLU A 40 10.28 -22.71 2.73
C GLU A 40 9.71 -22.42 4.12
N ASP A 41 10.55 -22.54 5.15
CA ASP A 41 10.10 -22.41 6.52
C ASP A 41 9.67 -20.98 6.84
N PHE A 42 10.41 -20.01 6.30
CA PHE A 42 10.07 -18.60 6.47
C PHE A 42 8.88 -18.23 5.59
N LEU A 43 8.86 -18.72 4.36
CA LEU A 43 7.77 -18.45 3.44
C LEU A 43 6.42 -18.87 4.04
N LYS A 44 6.43 -19.87 4.91
CA LYS A 44 5.23 -20.33 5.57
C LYS A 44 4.59 -19.25 6.46
N ILE A 45 5.41 -18.35 6.99
CA ILE A 45 4.91 -17.29 7.86
C ILE A 45 4.95 -15.92 7.17
N SER A 46 5.75 -15.85 6.11
CA SER A 46 5.95 -14.62 5.36
C SER A 46 6.14 -14.96 3.89
N PRO A 47 5.00 -15.17 3.20
CA PRO A 47 4.89 -15.65 1.82
C PRO A 47 5.88 -15.03 0.82
N MET A 48 6.14 -13.73 0.92
CA MET A 48 7.10 -13.06 0.02
C MET A 48 8.53 -13.10 0.53
N GLY A 49 8.76 -13.75 1.67
CA GLY A 49 10.09 -13.75 2.28
C GLY A 49 10.54 -12.40 2.79
N LYS A 50 9.59 -11.55 3.17
CA LYS A 50 9.90 -10.20 3.65
C LYS A 50 9.87 -10.06 5.16
N ILE A 51 10.54 -9.01 5.62
CA ILE A 51 10.38 -8.54 6.98
C ILE A 51 9.82 -7.13 6.84
N PRO A 52 9.04 -6.67 7.83
CA PRO A 52 8.72 -7.31 9.12
C PRO A 52 7.61 -8.36 9.10
N VAL A 53 7.67 -9.24 10.09
CA VAL A 53 6.57 -10.12 10.39
C VAL A 53 6.22 -9.94 11.85
N LEU A 54 4.93 -9.77 12.14
CA LEU A 54 4.49 -9.71 13.53
C LEU A 54 3.99 -11.08 13.96
N GLU A 55 4.48 -11.54 15.11
CA GLU A 55 4.00 -12.79 15.63
C GLU A 55 3.22 -12.50 16.88
N MET A 56 2.01 -13.04 16.95
CA MET A 56 1.24 -12.90 18.16
C MET A 56 0.26 -14.06 18.30
N ASP A 57 0.22 -14.67 19.48
CA ASP A 57 -0.72 -15.75 19.76
C ASP A 57 -0.55 -16.92 18.80
N GLY A 58 0.70 -17.21 18.43
CA GLY A 58 1.01 -18.27 17.47
C GLY A 58 0.67 -17.92 16.02
N LYS A 59 0.08 -16.75 15.80
CA LYS A 59 -0.26 -16.28 14.47
C LYS A 59 0.70 -15.20 13.94
N PHE A 60 0.88 -15.19 12.63
CA PHE A 60 1.83 -14.28 12.00
C PHE A 60 1.14 -13.34 11.03
N ILE A 61 1.46 -12.06 11.14
CA ILE A 61 0.96 -11.05 10.22
C ILE A 61 2.17 -10.45 9.52
N PHE A 62 2.09 -10.40 8.18
CA PHE A 62 3.16 -9.83 7.38
C PHE A 62 2.63 -8.60 6.63
N GLU A 63 3.53 -7.67 6.34
CA GLU A 63 3.19 -6.43 5.68
C GLU A 63 3.06 -5.38 6.77
N SER A 64 3.87 -4.33 6.68
CA SER A 64 3.93 -3.32 7.71
C SER A 64 2.58 -2.64 7.90
N GLY A 65 1.90 -2.40 6.79
CA GLY A 65 0.60 -1.69 6.86
C GLY A 65 -0.47 -2.51 7.60
N ALA A 66 -0.64 -3.76 7.18
CA ALA A 66 -1.57 -4.68 7.84
C ALA A 66 -1.21 -4.84 9.33
N ILE A 67 0.08 -4.96 9.63
CA ILE A 67 0.55 -5.05 11.03
C ILE A 67 0.14 -3.84 11.88
N LEU A 68 0.44 -2.64 11.42
CA LEU A 68 0.11 -1.44 12.18
C LEU A 68 -1.41 -1.22 12.32
N GLU A 69 -2.17 -1.53 11.28
CA GLU A 69 -3.63 -1.43 11.34
C GLU A 69 -4.16 -2.43 12.36
N PHE A 70 -3.57 -3.62 12.36
CA PHE A 70 -3.95 -4.65 13.33
C PHE A 70 -3.65 -4.22 14.76
N LEU A 71 -2.42 -3.78 15.02
CA LEU A 71 -2.05 -3.33 16.37
C LEU A 71 -2.92 -2.18 16.85
N ASP A 72 -3.21 -1.23 15.95
CA ASP A 72 -4.05 -0.11 16.35
C ASP A 72 -5.48 -0.55 16.69
N THR A 73 -5.95 -1.60 16.01
CA THR A 73 -7.26 -2.15 16.28
C THR A 73 -7.31 -2.86 17.63
N ILE A 74 -6.40 -3.81 17.84
CA ILE A 74 -6.41 -4.52 19.13
C ILE A 74 -5.86 -3.74 20.32
N PHE A 75 -4.97 -2.79 20.07
CA PHE A 75 -4.39 -1.95 21.14
C PHE A 75 -4.70 -0.48 20.87
N PRO A 76 -5.96 -0.09 21.09
CA PRO A 76 -6.36 1.26 20.71
C PRO A 76 -5.86 2.34 21.66
N GLN A 77 -5.11 1.98 22.71
CA GLN A 77 -4.53 3.01 23.59
C GLN A 77 -3.74 4.05 22.80
N THR A 78 -3.58 5.23 23.38
CA THR A 78 -2.94 6.35 22.70
CA THR A 78 -2.93 6.37 22.72
C THR A 78 -1.48 6.02 22.32
N PRO A 79 -1.03 6.52 21.16
CA PRO A 79 -1.83 7.31 20.24
C PRO A 79 -2.62 6.41 19.28
N LYS A 80 -3.77 6.89 18.84
CA LYS A 80 -4.53 6.21 17.80
CA LYS A 80 -4.54 6.23 17.79
C LYS A 80 -3.83 6.42 16.44
N LEU A 81 -3.26 5.36 15.91
CA LEU A 81 -2.53 5.48 14.65
C LEU A 81 -3.47 5.84 13.51
N ILE A 82 -4.71 5.39 13.61
CA ILE A 82 -5.76 5.77 12.67
C ILE A 82 -6.72 6.67 13.44
N PRO A 83 -6.73 7.97 13.10
CA PRO A 83 -7.66 8.87 13.79
C PRO A 83 -9.11 8.42 13.69
N GLU A 84 -9.90 8.77 14.70
CA GLU A 84 -11.31 8.41 14.73
C GLU A 84 -12.10 9.23 13.72
N ASP A 85 -11.70 10.47 13.48
CA ASP A 85 -12.35 11.21 12.40
C ASP A 85 -11.96 10.60 11.06
N PRO A 86 -12.96 10.21 10.23
CA PRO A 86 -12.69 9.46 9.00
C PRO A 86 -11.95 10.25 7.93
N TRP A 87 -12.21 11.55 7.85
CA TRP A 87 -11.48 12.44 6.95
C TRP A 87 -9.99 12.54 7.34
N GLU A 88 -9.73 12.69 8.64
CA GLU A 88 -8.35 12.76 9.08
C GLU A 88 -7.65 11.40 8.88
N ALA A 89 -8.40 10.30 9.04
CA ALA A 89 -7.87 8.97 8.79
C ALA A 89 -7.41 8.82 7.35
N ALA A 90 -8.25 9.31 6.44
CA ALA A 90 -7.94 9.25 5.02
C ALA A 90 -6.66 10.02 4.72
N ARG A 91 -6.53 11.22 5.27
CA ARG A 91 -5.32 12.02 5.09
C ARG A 91 -4.11 11.27 5.61
N VAL A 92 -4.23 10.67 6.79
CA VAL A 92 -3.15 9.85 7.34
C VAL A 92 -2.78 8.70 6.40
N ARG A 93 -3.77 7.99 5.90
CA ARG A 93 -3.48 6.91 4.95
C ARG A 93 -2.88 7.41 3.63
N GLU A 94 -3.35 8.55 3.15
CA GLU A 94 -2.79 9.16 1.93
C GLU A 94 -1.30 9.46 2.09
N ILE A 95 -0.98 10.13 3.20
CA ILE A 95 0.40 10.54 3.45
C ILE A 95 1.33 9.35 3.41
N SER A 96 0.92 8.30 4.12
CA SER A 96 1.72 7.09 4.24
C SER A 96 1.89 6.36 2.91
N THR A 97 0.82 6.25 2.14
CA THR A 97 0.91 5.68 0.80
C THR A 97 1.85 6.50 -0.10
N ILE A 98 1.71 7.82 -0.09
CA ILE A 98 2.59 8.64 -0.93
C ILE A 98 4.06 8.39 -0.59
N ILE A 99 4.35 8.41 0.71
CA ILE A 99 5.72 8.20 1.17
C ILE A 99 6.28 6.85 0.75
N GLU A 100 5.51 5.78 0.93
CA GLU A 100 6.00 4.45 0.62
C GLU A 100 5.98 4.17 -0.88
N THR A 101 4.88 4.51 -1.53
CA THR A 101 4.68 4.07 -2.90
C THR A 101 5.35 4.98 -3.91
N TYR A 102 5.28 6.29 -3.68
CA TYR A 102 5.74 7.26 -4.67
C TYR A 102 7.11 7.85 -4.35
N LEU A 103 7.62 7.58 -3.15
CA LEU A 103 8.94 8.11 -2.78
C LEU A 103 9.96 7.01 -2.53
N ASP A 104 9.63 6.06 -1.66
CA ASP A 104 10.57 5.00 -1.33
C ASP A 104 10.75 3.97 -2.42
N ILE A 105 9.67 3.58 -3.10
CA ILE A 105 9.78 2.56 -4.15
C ILE A 105 10.73 3.02 -5.25
N PRO A 106 10.52 4.25 -5.75
CA PRO A 106 11.39 4.86 -6.73
C PRO A 106 12.83 4.91 -6.20
N ALA A 107 13.02 5.55 -5.05
CA ALA A 107 14.35 5.72 -4.45
C ALA A 107 15.12 4.40 -4.28
N ARG A 108 14.40 3.29 -4.07
CA ARG A 108 15.06 2.01 -3.87
C ARG A 108 15.75 1.53 -5.15
N ARG A 109 15.33 2.07 -6.29
CA ARG A 109 15.96 1.76 -7.56
C ARG A 109 17.39 2.30 -7.55
N ILE A 110 17.62 3.29 -6.69
CA ILE A 110 18.94 3.85 -6.52
C ILE A 110 19.67 3.20 -5.35
N TYR A 111 19.24 3.54 -4.14
CA TYR A 111 20.01 3.25 -2.93
C TYR A 111 20.14 1.77 -2.55
N LEU A 112 19.48 0.89 -3.31
CA LEU A 112 19.63 -0.54 -3.06
C LEU A 112 20.82 -1.13 -3.82
N ALA A 115 20.52 -4.26 -10.24
CA ALA A 115 20.55 -2.81 -10.09
C ALA A 115 21.36 -2.15 -11.19
N LYS A 116 21.39 -0.81 -11.19
CA LYS A 116 22.13 -0.08 -12.19
C LYS A 116 22.49 1.31 -11.75
N VAL A 117 23.49 1.88 -12.39
CA VAL A 117 23.84 3.23 -12.10
C VAL A 117 23.81 3.90 -13.43
N SER A 118 23.16 5.03 -13.50
CA SER A 118 23.16 5.76 -14.72
C SER A 118 22.93 7.14 -14.27
N PRO A 119 23.57 8.10 -14.87
CA PRO A 119 23.29 9.47 -14.46
C PRO A 119 21.83 9.64 -14.84
N GLU A 120 21.46 9.02 -15.96
CA GLU A 120 20.09 9.08 -16.45
C GLU A 120 19.10 8.39 -15.53
N ILE A 121 19.47 7.20 -15.09
CA ILE A 121 18.59 6.46 -14.23
C ILE A 121 18.42 7.30 -13.01
N VAL A 122 19.53 7.81 -12.53
CA VAL A 122 19.55 8.63 -11.36
C VAL A 122 18.73 9.85 -11.68
N GLU A 123 18.82 10.32 -12.90
CA GLU A 123 18.05 11.45 -13.31
C GLU A 123 16.56 11.18 -13.30
N GLU A 124 16.14 10.01 -13.76
CA GLU A 124 14.71 9.75 -13.82
C GLU A 124 14.16 9.81 -12.43
N VAL A 125 14.87 9.16 -11.51
CA VAL A 125 14.43 9.10 -10.14
C VAL A 125 14.36 10.47 -9.56
N HIS A 126 15.30 11.34 -9.88
CA HIS A 126 15.26 12.65 -9.27
C HIS A 126 13.96 13.30 -9.66
N SER A 127 13.55 13.18 -10.91
CA SER A 127 12.31 13.81 -11.31
C SER A 127 11.09 13.20 -10.65
N THR A 128 11.05 11.88 -10.53
CA THR A 128 9.92 11.19 -9.90
C THR A 128 9.77 11.59 -8.42
N LEU A 129 10.89 11.60 -7.70
CA LEU A 129 10.90 12.03 -6.29
C LEU A 129 10.41 13.46 -6.11
N VAL A 130 10.89 14.37 -6.95
CA VAL A 130 10.46 15.78 -6.91
C VAL A 130 8.96 15.90 -7.12
N LYS A 131 8.44 15.05 -8.00
CA LYS A 131 7.00 14.97 -8.21
C LYS A 131 6.27 14.51 -6.92
N GLY A 132 6.77 13.44 -6.31
CA GLY A 132 6.16 12.90 -5.10
C GLY A 132 6.21 13.88 -3.94
N ILE A 133 7.36 14.52 -3.77
CA ILE A 133 7.56 15.48 -2.70
C ILE A 133 6.53 16.59 -2.80
N LYS A 134 6.32 17.08 -4.03
CA LYS A 134 5.37 18.15 -4.28
C LYS A 134 3.93 17.71 -3.97
N ALA A 135 3.63 16.45 -4.27
CA ALA A 135 2.32 15.89 -3.90
C ALA A 135 2.20 15.84 -2.38
N LEU A 136 3.19 15.23 -1.75
CA LEU A 136 3.24 15.11 -0.28
C LEU A 136 3.00 16.46 0.39
N GLN A 137 3.67 17.48 -0.12
CA GLN A 137 3.55 18.81 0.43
C GLN A 137 2.09 19.22 0.59
N ARG A 138 1.23 18.73 -0.27
CA ARG A 138 -0.14 19.22 -0.28
C ARG A 138 -0.97 18.70 0.89
N VAL A 139 -0.56 17.57 1.48
CA VAL A 139 -1.37 16.93 2.51
C VAL A 139 -0.77 16.97 3.93
N VAL A 140 0.54 17.17 4.05
CA VAL A 140 1.19 17.25 5.36
C VAL A 140 0.93 18.58 6.07
N ARG A 141 0.97 18.56 7.39
CA ARG A 141 0.79 19.75 8.23
C ARG A 141 1.99 20.04 9.15
N PHE A 142 2.68 19.00 9.61
CA PHE A 142 3.82 19.20 10.50
C PHE A 142 3.47 20.15 11.64
N SER A 143 2.43 19.86 12.40
CA SER A 143 1.96 20.81 13.39
C SER A 143 1.71 20.19 14.77
N PRO A 144 2.73 19.55 15.34
CA PRO A 144 4.10 19.34 14.85
C PRO A 144 4.29 18.01 14.12
N TYR A 145 3.34 17.09 14.28
CA TYR A 145 3.46 15.80 13.61
C TYR A 145 3.09 15.93 12.14
N ILE A 146 3.42 14.92 11.36
CA ILE A 146 3.32 15.03 9.91
C ILE A 146 1.90 15.31 9.42
N ALA A 147 0.91 14.74 10.10
CA ALA A 147 -0.49 14.89 9.67
C ALA A 147 -1.28 15.87 10.53
N GLY A 148 -0.64 16.47 11.52
CA GLY A 148 -1.38 17.34 12.44
C GLY A 148 -0.75 17.39 13.82
N ASN A 149 -1.57 17.58 14.84
CA ASN A 149 -1.05 17.82 16.17
C ASN A 149 -0.82 16.57 17.04
N VAL A 150 -1.13 15.38 16.53
CA VAL A 150 -0.87 14.10 17.25
C VAL A 150 -0.15 13.05 16.39
N PHE A 151 0.61 12.19 17.04
CA PHE A 151 1.30 11.06 16.40
C PHE A 151 0.27 10.13 15.74
N THR A 152 0.54 9.72 14.49
CA THR A 152 -0.33 8.79 13.78
C THR A 152 0.48 7.83 12.97
N LEU A 153 -0.21 6.95 12.25
CA LEU A 153 0.44 6.02 11.32
C LEU A 153 1.37 6.75 10.36
N ALA A 154 0.97 7.94 9.94
CA ALA A 154 1.74 8.71 8.98
C ALA A 154 3.14 9.04 9.54
N ASP A 155 3.23 9.21 10.87
CA ASP A 155 4.55 9.47 11.49
C ASP A 155 5.40 8.22 11.50
N CYS A 156 4.77 7.06 11.58
CA CYS A 156 5.52 5.81 11.52
C CYS A 156 6.16 5.65 10.14
N SER A 157 5.37 5.84 9.09
CA SER A 157 5.88 5.81 7.71
C SER A 157 6.86 6.96 7.46
N GLY A 158 6.46 8.17 7.84
CA GLY A 158 7.28 9.35 7.61
C GLY A 158 8.66 9.25 8.24
N PHE A 159 8.71 9.02 9.55
CA PHE A 159 9.99 9.01 10.22
C PHE A 159 10.86 7.87 9.73
N ALA A 160 10.28 6.68 9.60
CA ALA A 160 11.04 5.51 9.16
C ALA A 160 11.58 5.64 7.74
N HIS A 161 10.76 6.13 6.82
CA HIS A 161 11.15 6.16 5.42
C HIS A 161 11.93 7.41 5.03
N LEU A 162 11.45 8.58 5.45
CA LEU A 162 12.06 9.83 5.02
C LEU A 162 13.44 10.02 5.65
N SER A 163 13.63 9.49 6.85
CA SER A 163 14.93 9.59 7.47
C SER A 163 15.93 8.83 6.61
N VAL A 164 15.54 7.65 6.15
CA VAL A 164 16.39 6.80 5.32
C VAL A 164 16.54 7.37 3.91
N LEU A 165 15.50 7.97 3.39
CA LEU A 165 15.57 8.57 2.09
C LEU A 165 16.50 9.72 2.17
N ASP A 166 16.41 10.47 3.24
CA ASP A 166 17.27 11.62 3.31
C ASP A 166 18.73 11.24 3.37
N GLU A 167 19.08 10.27 4.21
CA GLU A 167 20.47 9.88 4.31
C GLU A 167 20.97 9.26 3.03
N GLU A 168 20.19 8.37 2.47
CA GLU A 168 20.58 7.66 1.27
C GLU A 168 20.79 8.52 0.04
N LEU A 169 19.98 9.54 -0.15
CA LEU A 169 20.12 10.33 -1.36
C LEU A 169 21.09 11.50 -1.35
N ARG A 170 21.68 11.83 -0.22
CA ARG A 170 22.60 12.97 -0.20
C ARG A 170 23.77 12.68 -1.08
N PRO A 171 24.23 11.44 -1.07
CA PRO A 171 25.38 11.08 -1.89
C PRO A 171 25.03 11.32 -3.34
N PHE A 172 23.85 10.88 -3.73
CA PHE A 172 23.37 11.11 -5.08
C PHE A 172 23.05 12.55 -5.40
N TYR A 173 22.50 13.30 -4.47
CA TYR A 173 22.04 14.63 -4.82
C TYR A 173 22.51 15.77 -3.93
N PRO A 174 23.78 16.14 -3.99
CA PRO A 174 24.19 17.28 -3.22
C PRO A 174 23.67 18.49 -3.93
N ASN A 175 23.03 19.39 -3.23
CA ASN A 175 22.56 20.62 -3.81
C ASN A 175 21.31 20.29 -4.56
N ASN A 176 21.09 19.00 -4.69
CA ASN A 176 20.02 18.46 -5.49
C ASN A 176 18.91 17.67 -4.77
N HIS A 177 19.06 17.45 -3.46
CA HIS A 177 18.17 16.57 -2.72
C HIS A 177 16.74 17.02 -2.77
N PRO A 178 15.89 16.07 -3.12
CA PRO A 178 14.46 16.27 -3.27
C PRO A 178 13.80 16.69 -2.00
N LEU A 179 14.24 16.13 -0.90
CA LEU A 179 13.65 16.43 0.38
C LEU A 179 13.78 17.88 0.66
N ASP A 180 14.90 18.45 0.29
CA ASP A 180 15.10 19.87 0.53
C ASP A 180 13.86 20.66 0.13
N LEU A 181 13.06 20.11 -0.77
CA LEU A 181 11.83 20.78 -1.20
C LEU A 181 10.66 20.61 -0.23
N LEU A 182 10.72 19.58 0.61
CA LEU A 182 9.65 19.34 1.61
C LEU A 182 9.78 20.33 2.77
N ASN A 183 8.98 21.38 2.70
CA ASN A 183 8.92 22.39 3.74
C ASN A 183 8.48 21.81 5.09
N GLY A 184 9.37 21.87 6.08
CA GLY A 184 9.06 21.37 7.43
C GLY A 184 9.77 20.07 7.77
N TRP A 185 10.35 19.42 6.77
CA TRP A 185 10.97 18.12 7.01
C TRP A 185 12.06 18.19 8.07
N LYS A 186 12.94 19.19 7.99
CA LYS A 186 14.08 19.21 8.89
C LYS A 186 13.67 19.50 10.34
N GLU A 187 12.83 20.50 10.52
CA GLU A 187 12.28 20.79 11.82
C GLU A 187 11.61 19.53 12.41
N TYR A 188 10.85 18.82 11.58
CA TYR A 188 10.08 17.67 12.01
C TYR A 188 11.00 16.55 12.45
N PHE A 189 12.03 16.30 11.64
CA PHE A 189 12.97 15.22 11.92
C PHE A 189 13.69 15.49 13.24
N VAL A 190 14.18 16.72 13.41
CA VAL A 190 14.76 17.16 14.70
C VAL A 190 13.76 17.03 15.85
N PHE A 191 12.52 17.46 15.64
CA PHE A 191 11.52 17.32 16.70
C PHE A 191 11.33 15.86 17.08
N MET A 192 11.10 15.01 16.09
CA MET A 192 10.87 13.59 16.39
C MET A 192 12.02 12.97 17.17
N LYS A 193 13.23 13.49 16.96
CA LYS A 193 14.40 12.92 17.63
C LYS A 193 14.49 13.32 19.10
N THR A 194 13.70 14.30 19.50
CA THR A 194 13.59 14.62 20.93
C THR A 194 12.73 13.61 21.67
N LYS A 195 12.09 12.69 20.93
CA LYS A 195 11.19 11.71 21.55
C LYS A 195 11.88 10.39 21.73
N ALA A 196 11.55 9.72 22.84
CA ALA A 196 12.21 8.49 23.24
C ALA A 196 12.07 7.37 22.21
N GLY A 197 10.86 7.20 21.67
CA GLY A 197 10.62 6.14 20.68
C GLY A 197 11.41 6.33 19.40
N PRO A 198 11.23 7.47 18.73
CA PRO A 198 11.97 7.68 17.49
C PRO A 198 13.49 7.68 17.72
N ALA A 199 13.93 8.24 18.85
CA ALA A 199 15.37 8.25 19.17
C ALA A 199 15.86 6.83 19.32
N LEU A 200 15.08 5.97 19.95
CA LEU A 200 15.49 4.58 20.15
C LEU A 200 15.52 3.85 18.82
N VAL A 201 14.55 4.09 17.97
CA VAL A 201 14.56 3.48 16.64
C VAL A 201 15.87 3.82 15.88
N GLU A 202 16.26 5.09 15.89
CA GLU A 202 17.52 5.53 15.28
C GLU A 202 18.74 4.85 15.91
N LYS A 203 18.77 4.84 17.24
CA LYS A 203 19.87 4.22 17.94
C LYS A 203 20.05 2.76 17.54
N ASP A 204 18.96 1.98 17.53
CA ASP A 204 19.07 0.54 17.21
C ASP A 204 19.56 0.34 15.78
N LYS A 205 19.17 1.24 14.88
CA LYS A 205 19.62 1.16 13.51
C LYS A 205 21.12 1.42 13.48
N GLN A 206 21.55 2.50 14.13
CA GLN A 206 22.94 2.88 14.19
C GLN A 206 23.82 1.78 14.78
N ILE A 207 23.37 1.20 15.88
CA ILE A 207 24.11 0.10 16.51
C ILE A 207 24.40 -1.03 15.52
N LEU A 208 23.37 -1.50 14.83
CA LEU A 208 23.53 -2.60 13.89
C LEU A 208 24.31 -2.20 12.63
N LYS A 209 24.16 -0.96 12.18
CA LYS A 209 24.90 -0.49 11.03
C LYS A 209 26.38 -0.49 11.27
N LYS A 210 26.79 0.07 12.39
CA LYS A 210 28.19 0.05 12.81
C LYS A 210 28.70 -1.37 12.89
N ILE A 211 27.87 -2.29 13.36
CA ILE A 211 28.31 -3.67 13.47
C ILE A 211 28.46 -4.33 12.09
N LEU A 212 27.49 -4.09 11.22
CA LEU A 212 27.50 -4.75 9.91
C LEU A 212 28.64 -4.23 9.04
N ALA A 213 28.98 -2.95 9.21
CA ALA A 213 30.07 -2.32 8.47
C ALA A 213 31.40 -3.05 8.65
N ARG A 214 31.54 -3.77 9.76
CA ARG A 214 32.75 -4.53 10.03
C ARG A 214 32.64 -5.94 9.46
N ALA A 215 31.67 -6.13 8.58
CA ALA A 215 31.47 -7.41 7.88
C ALA A 215 32.73 -8.27 7.89
N VAL B 2 -25.08 10.56 -6.81
CA VAL B 2 -25.88 11.14 -5.69
C VAL B 2 -25.01 12.01 -4.79
N MET B 3 -24.87 11.63 -3.52
CA MET B 3 -23.99 12.35 -2.63
C MET B 3 -22.54 11.95 -2.90
N ILE B 4 -22.32 10.93 -3.75
CA ILE B 4 -20.97 10.46 -4.07
C ILE B 4 -20.62 10.50 -5.54
N LYS B 5 -19.43 11.02 -5.84
CA LYS B 5 -18.93 11.00 -7.20
C LYS B 5 -17.61 10.26 -7.24
N LEU B 6 -17.49 9.34 -8.18
CA LEU B 6 -16.24 8.61 -8.39
C LEU B 6 -15.59 9.13 -9.65
N HIS B 7 -14.44 9.79 -9.49
CA HIS B 7 -13.73 10.38 -10.61
C HIS B 7 -12.72 9.42 -11.22
N GLY B 8 -12.90 9.10 -12.49
CA GLY B 8 -12.04 8.19 -13.20
C GLY B 8 -12.85 7.26 -14.11
N ALA B 9 -12.26 6.94 -15.26
CA ALA B 9 -12.88 6.06 -16.25
C ALA B 9 -12.72 4.57 -15.89
N SER B 10 -13.55 3.73 -16.51
CA SER B 10 -13.66 2.31 -16.23
C SER B 10 -12.51 1.52 -16.82
N ILE B 11 -11.58 2.24 -17.43
CA ILE B 11 -10.39 1.62 -18.00
C ILE B 11 -9.37 1.28 -16.90
N SER B 12 -9.46 1.98 -15.78
CA SER B 12 -8.48 1.89 -14.71
C SER B 12 -8.85 0.79 -13.72
N ASN B 13 -7.93 -0.12 -13.47
CA ASN B 13 -8.24 -1.12 -12.46
C ASN B 13 -8.40 -0.55 -11.07
N TYR B 14 -7.64 0.49 -10.72
CA TYR B 14 -7.78 1.11 -9.41
C TYR B 14 -9.15 1.79 -9.25
N VAL B 15 -9.67 2.38 -10.33
CA VAL B 15 -11.03 2.90 -10.30
C VAL B 15 -12.05 1.78 -10.08
N ASN B 16 -11.85 0.66 -10.77
CA ASN B 16 -12.77 -0.47 -10.69
C ASN B 16 -12.78 -1.15 -9.30
N LYS B 17 -11.62 -1.18 -8.68
CA LYS B 17 -11.48 -1.57 -7.29
C LYS B 17 -12.46 -0.78 -6.41
N VAL B 18 -12.42 0.55 -6.51
CA VAL B 18 -13.31 1.40 -5.72
C VAL B 18 -14.78 1.19 -6.10
N LYS B 19 -15.03 1.15 -7.41
CA LYS B 19 -16.37 0.96 -7.95
C LYS B 19 -17.02 -0.33 -7.41
N LEU B 20 -16.26 -1.42 -7.38
CA LEU B 20 -16.75 -2.69 -6.82
C LEU B 20 -17.25 -2.52 -5.40
N GLY B 21 -16.51 -1.77 -4.58
CA GLY B 21 -16.89 -1.58 -3.20
C GLY B 21 -18.12 -0.72 -3.03
N ILE B 22 -18.20 0.33 -3.84
CA ILE B 22 -19.37 1.19 -3.84
C ILE B 22 -20.60 0.41 -4.29
N LEU B 23 -20.47 -0.37 -5.36
CA LEU B 23 -21.59 -1.14 -5.83
C LEU B 23 -22.05 -2.16 -4.77
N GLU B 24 -21.09 -2.85 -4.16
CA GLU B 24 -21.43 -3.92 -3.23
C GLU B 24 -22.14 -3.39 -1.99
N LYS B 25 -21.83 -2.15 -1.61
CA LYS B 25 -22.47 -1.51 -0.44
C LYS B 25 -23.84 -0.93 -0.80
N GLY B 26 -24.21 -0.99 -2.07
CA GLY B 26 -25.51 -0.46 -2.51
C GLY B 26 -25.58 1.06 -2.37
N LEU B 27 -24.48 1.74 -2.69
CA LEU B 27 -24.41 3.18 -2.50
C LEU B 27 -24.82 3.93 -3.76
N GLU B 28 -25.44 5.08 -3.59
CA GLU B 28 -25.75 5.93 -4.73
C GLU B 28 -24.52 6.76 -5.13
N TYR B 29 -24.15 6.67 -6.40
CA TYR B 29 -22.98 7.39 -6.85
C TYR B 29 -23.09 7.72 -8.34
N GLU B 30 -22.27 8.66 -8.77
CA GLU B 30 -22.05 8.92 -10.19
C GLU B 30 -20.59 8.70 -10.53
N GLN B 31 -20.35 8.06 -11.65
CA GLN B 31 -19.00 7.91 -12.15
C GLN B 31 -18.67 9.00 -13.19
N ILE B 32 -17.61 9.77 -12.94
CA ILE B 32 -17.16 10.79 -13.90
C ILE B 32 -16.06 10.23 -14.77
N ARG B 33 -16.36 10.01 -16.04
CA ARG B 33 -15.40 9.38 -16.94
C ARG B 33 -14.30 10.35 -17.34
N ILE B 34 -13.19 10.37 -16.58
CA ILE B 34 -12.07 11.22 -16.94
C ILE B 34 -10.78 10.41 -16.98
N ALA B 35 -9.77 10.94 -17.66
CA ALA B 35 -8.45 10.35 -17.65
C ALA B 35 -7.64 11.01 -16.53
N PRO B 36 -6.50 10.41 -16.14
CA PRO B 36 -5.63 11.10 -15.19
C PRO B 36 -5.03 12.35 -15.85
N SER B 37 -4.50 13.26 -15.05
CA SER B 37 -3.96 14.51 -15.59
C SER B 37 -2.99 15.16 -14.60
N GLN B 38 -2.08 15.97 -15.13
CA GLN B 38 -1.17 16.75 -14.28
C GLN B 38 -1.57 18.22 -14.19
N GLU B 39 -2.74 18.55 -14.72
CA GLU B 39 -3.26 19.91 -14.62
C GLU B 39 -3.45 20.33 -13.17
N GLU B 40 -2.86 21.47 -12.81
CA GLU B 40 -2.85 21.94 -11.43
C GLU B 40 -4.21 21.84 -10.72
N ASP B 41 -5.28 22.18 -11.44
CA ASP B 41 -6.60 22.12 -10.85
C ASP B 41 -6.97 20.70 -10.46
N PHE B 42 -6.43 19.72 -11.19
CA PHE B 42 -6.65 18.33 -10.83
C PHE B 42 -5.72 17.92 -9.67
N LEU B 43 -4.48 18.41 -9.70
CA LEU B 43 -3.53 18.11 -8.63
C LEU B 43 -3.98 18.62 -7.27
N LYS B 44 -4.82 19.65 -7.26
CA LYS B 44 -5.37 20.21 -6.01
C LYS B 44 -6.20 19.18 -5.27
N ILE B 45 -6.97 18.39 -6.01
CA ILE B 45 -7.80 17.33 -5.42
C ILE B 45 -7.16 15.93 -5.50
N SER B 46 -6.12 15.79 -6.33
CA SER B 46 -5.44 14.52 -6.48
C SER B 46 -3.95 14.74 -6.74
N PRO B 47 -3.17 14.95 -5.67
CA PRO B 47 -1.77 15.37 -5.69
C PRO B 47 -0.87 14.65 -6.69
N MET B 48 -1.06 13.35 -6.89
CA MET B 48 -0.22 12.61 -7.83
C MET B 48 -0.81 12.65 -9.24
N GLY B 49 -1.97 13.30 -9.37
CA GLY B 49 -2.66 13.39 -10.67
C GLY B 49 -3.27 12.09 -11.14
N LYS B 50 -3.61 11.22 -10.18
CA LYS B 50 -4.12 9.89 -10.51
C LYS B 50 -5.65 9.78 -10.35
N ILE B 51 -6.20 8.74 -10.97
CA ILE B 51 -7.53 8.32 -10.68
C ILE B 51 -7.41 6.96 -9.99
N PRO B 52 -8.38 6.62 -9.15
CA PRO B 52 -9.61 7.36 -8.87
C PRO B 52 -9.48 8.45 -7.80
N VAL B 53 -10.48 9.33 -7.78
CA VAL B 53 -10.68 10.26 -6.71
C VAL B 53 -12.12 10.13 -6.29
N LEU B 54 -12.34 10.01 -4.99
CA LEU B 54 -13.69 10.03 -4.46
C LEU B 54 -14.05 11.43 -4.02
N GLU B 55 -15.29 11.83 -4.31
CA GLU B 55 -15.76 13.13 -3.86
C GLU B 55 -17.07 12.98 -3.11
N MET B 56 -17.17 13.67 -1.98
CA MET B 56 -18.36 13.61 -1.16
C MET B 56 -18.32 14.81 -0.23
N ASP B 57 -19.46 15.48 -0.03
CA ASP B 57 -19.51 16.66 0.83
C ASP B 57 -18.54 17.73 0.38
N GLY B 58 -18.31 17.85 -0.92
CA GLY B 58 -17.37 18.84 -1.43
C GLY B 58 -15.92 18.58 -1.04
N LYS B 59 -15.66 17.40 -0.48
CA LYS B 59 -14.29 17.02 -0.14
C LYS B 59 -13.82 15.81 -0.95
N PHE B 60 -12.50 15.68 -1.08
CA PHE B 60 -11.92 14.70 -1.99
C PHE B 60 -10.97 13.75 -1.25
N ILE B 61 -11.05 12.46 -1.58
CA ILE B 61 -10.08 11.48 -1.11
C ILE B 61 -9.47 10.79 -2.32
N PHE B 62 -8.16 10.65 -2.32
CA PHE B 62 -7.49 9.98 -3.42
C PHE B 62 -6.78 8.74 -2.83
N GLU B 63 -6.21 7.90 -3.69
CA GLU B 63 -5.72 6.58 -3.27
C GLU B 63 -6.86 5.60 -2.99
N SER B 64 -6.95 4.57 -3.83
CA SER B 64 -8.04 3.60 -3.78
C SER B 64 -8.13 2.90 -2.41
N GLY B 65 -6.98 2.69 -1.78
CA GLY B 65 -6.95 2.09 -0.44
C GLY B 65 -7.58 3.01 0.59
N ALA B 66 -7.13 4.26 0.68
CA ALA B 66 -7.74 5.20 1.62
C ALA B 66 -9.22 5.41 1.35
N ILE B 67 -9.62 5.38 0.09
CA ILE B 67 -11.03 5.59 -0.25
C ILE B 67 -11.94 4.48 0.29
N LEU B 68 -11.55 3.23 0.07
CA LEU B 68 -12.35 2.09 0.56
C LEU B 68 -12.33 1.94 2.09
N GLU B 69 -11.18 2.22 2.71
CA GLU B 69 -11.11 2.26 4.17
C GLU B 69 -12.03 3.35 4.72
N PHE B 70 -12.06 4.47 4.01
CA PHE B 70 -12.99 5.58 4.36
C PHE B 70 -14.48 5.21 4.17
N LEU B 71 -14.83 4.64 3.04
CA LEU B 71 -16.20 4.19 2.83
C LEU B 71 -16.64 3.14 3.86
N ASP B 72 -15.72 2.25 4.23
CA ASP B 72 -15.91 1.20 5.27
CA ASP B 72 -16.09 1.24 5.18
C ASP B 72 -16.27 1.82 6.60
N THR B 73 -15.59 2.92 6.90
CA THR B 73 -15.76 3.58 8.19
C THR B 73 -17.06 4.41 8.23
N ILE B 74 -17.32 5.20 7.20
CA ILE B 74 -18.58 5.96 7.21
C ILE B 74 -19.83 5.16 6.81
N PHE B 75 -19.68 4.09 6.04
CA PHE B 75 -20.82 3.21 5.74
C PHE B 75 -20.54 1.81 6.25
N PRO B 76 -20.61 1.62 7.58
CA PRO B 76 -20.12 0.43 8.26
C PRO B 76 -21.01 -0.82 8.13
N GLN B 77 -22.09 -0.72 7.39
CA GLN B 77 -23.01 -1.85 7.25
C GLN B 77 -22.47 -2.92 6.30
N THR B 78 -22.91 -4.15 6.55
CA THR B 78 -22.58 -5.28 5.70
C THR B 78 -22.90 -4.91 4.27
N PRO B 79 -21.99 -5.26 3.34
CA PRO B 79 -20.77 -6.00 3.68
C PRO B 79 -19.68 -5.09 4.25
N LYS B 80 -19.04 -5.55 5.32
CA LYS B 80 -17.95 -4.83 5.92
C LYS B 80 -16.69 -5.13 5.13
N LEU B 81 -16.18 -4.12 4.44
CA LEU B 81 -14.99 -4.31 3.63
C LEU B 81 -13.82 -4.73 4.50
N ILE B 82 -13.78 -4.24 5.74
CA ILE B 82 -12.76 -4.67 6.71
C ILE B 82 -13.49 -5.53 7.78
N PRO B 83 -13.19 -6.84 7.85
CA PRO B 83 -13.85 -7.69 8.87
C PRO B 83 -13.75 -7.18 10.30
N GLU B 84 -14.78 -7.49 11.12
CA GLU B 84 -14.75 -7.21 12.55
C GLU B 84 -13.65 -7.99 13.29
N ASP B 85 -13.45 -9.24 12.87
CA ASP B 85 -12.35 -10.05 13.44
C ASP B 85 -10.99 -9.47 13.00
N PRO B 86 -10.18 -9.01 13.96
CA PRO B 86 -8.96 -8.30 13.56
C PRO B 86 -7.93 -9.16 12.80
N TRP B 87 -7.89 -10.47 13.04
CA TRP B 87 -7.01 -11.36 12.27
C TRP B 87 -7.49 -11.53 10.84
N GLU B 88 -8.81 -11.61 10.68
CA GLU B 88 -9.39 -11.72 9.36
C GLU B 88 -9.19 -10.40 8.61
N ALA B 89 -9.24 -9.30 9.34
CA ALA B 89 -9.00 -8.00 8.73
C ALA B 89 -7.55 -7.89 8.26
N ALA B 90 -6.61 -8.49 8.99
CA ALA B 90 -5.18 -8.46 8.59
C ALA B 90 -4.99 -9.28 7.33
N ARG B 91 -5.69 -10.42 7.26
CA ARG B 91 -5.66 -11.26 6.08
C ARG B 91 -6.14 -10.50 4.84
N VAL B 92 -7.24 -9.79 4.98
CA VAL B 92 -7.81 -8.96 3.90
C VAL B 92 -6.82 -7.88 3.42
N ARG B 93 -6.17 -7.19 4.34
CA ARG B 93 -5.24 -6.16 3.93
C ARG B 93 -4.01 -6.80 3.30
N GLU B 94 -3.59 -7.96 3.80
CA GLU B 94 -2.45 -8.68 3.24
C GLU B 94 -2.71 -9.06 1.79
N ILE B 95 -3.87 -9.67 1.53
CA ILE B 95 -4.23 -10.11 0.18
C ILE B 95 -4.25 -8.93 -0.79
N SER B 96 -4.84 -7.82 -0.36
CA SER B 96 -4.94 -6.65 -1.21
C SER B 96 -3.55 -6.09 -1.53
N THR B 97 -2.67 -6.05 -0.52
CA THR B 97 -1.31 -5.51 -0.72
C THR B 97 -0.45 -6.39 -1.64
N ILE B 98 -0.55 -7.70 -1.47
CA ILE B 98 0.17 -8.62 -2.32
C ILE B 98 -0.23 -8.47 -3.78
N ILE B 99 -1.54 -8.39 -4.02
CA ILE B 99 -2.07 -8.27 -5.38
C ILE B 99 -1.57 -7.01 -6.08
N GLU B 100 -1.49 -5.91 -5.34
CA GLU B 100 -1.20 -4.61 -5.93
C GLU B 100 0.28 -4.36 -6.01
N THR B 101 0.98 -4.65 -4.93
CA THR B 101 2.41 -4.38 -4.86
C THR B 101 3.27 -5.44 -5.55
N TYR B 102 2.89 -6.71 -5.42
CA TYR B 102 3.73 -7.83 -5.87
C TYR B 102 3.26 -8.50 -7.14
N LEU B 103 2.06 -8.17 -7.59
CA LEU B 103 1.55 -8.72 -8.86
C LEU B 103 1.28 -7.62 -9.88
N ASP B 104 0.50 -6.60 -9.51
CA ASP B 104 0.17 -5.54 -10.45
C ASP B 104 1.35 -4.65 -10.82
N ILE B 105 2.05 -4.12 -9.81
CA ILE B 105 3.18 -3.26 -10.08
C ILE B 105 4.14 -3.89 -11.10
N PRO B 106 4.68 -5.08 -10.79
CA PRO B 106 5.59 -5.76 -11.71
C PRO B 106 4.95 -5.99 -13.08
N ALA B 107 3.69 -6.39 -13.10
CA ALA B 107 2.98 -6.65 -14.34
C ALA B 107 2.91 -5.42 -15.22
N ARG B 108 2.92 -4.25 -14.60
CA ARG B 108 2.81 -3.00 -15.33
C ARG B 108 4.06 -2.66 -16.11
N ARG B 109 5.14 -3.42 -15.89
CA ARG B 109 6.35 -3.30 -16.69
C ARG B 109 6.14 -3.88 -18.08
N ILE B 110 4.93 -4.35 -18.35
CA ILE B 110 4.63 -4.98 -19.62
C ILE B 110 3.42 -4.37 -20.35
N TYR B 111 2.76 -3.40 -19.73
CA TYR B 111 1.56 -2.80 -20.31
C TYR B 111 1.20 -1.44 -19.71
N PRO B 119 11.11 -4.06 -24.56
CA PRO B 119 12.25 -4.83 -24.06
C PRO B 119 11.97 -6.34 -24.02
N GLU B 120 12.93 -7.11 -23.52
CA GLU B 120 12.77 -8.57 -23.41
C GLU B 120 12.76 -9.02 -21.94
N ILE B 121 12.52 -8.07 -21.03
CA ILE B 121 12.47 -8.33 -19.60
C ILE B 121 11.30 -9.24 -19.21
N VAL B 122 10.51 -9.62 -20.21
CA VAL B 122 9.33 -10.46 -20.01
C VAL B 122 9.64 -11.75 -19.24
N GLU B 123 10.89 -12.16 -19.24
CA GLU B 123 11.26 -13.41 -18.58
C GLU B 123 11.55 -13.21 -17.08
N GLU B 124 12.18 -12.09 -16.74
CA GLU B 124 12.42 -11.77 -15.35
C GLU B 124 11.10 -11.40 -14.67
N VAL B 125 10.18 -10.84 -15.47
CA VAL B 125 8.86 -10.49 -14.98
C VAL B 125 8.03 -11.74 -14.71
N HIS B 126 8.08 -12.71 -15.62
CA HIS B 126 7.32 -13.95 -15.43
C HIS B 126 7.71 -14.67 -14.15
N SER B 127 8.98 -14.56 -13.76
CA SER B 127 9.41 -15.21 -12.53
C SER B 127 8.89 -14.45 -11.31
N THR B 128 8.89 -13.13 -11.38
CA THR B 128 8.37 -12.32 -10.27
C THR B 128 6.91 -12.65 -9.99
N LEU B 129 6.14 -12.82 -11.05
CA LEU B 129 4.72 -13.14 -10.94
C LEU B 129 4.45 -14.54 -10.38
N VAL B 130 5.23 -15.53 -10.81
CA VAL B 130 5.10 -16.88 -10.26
C VAL B 130 5.37 -16.87 -8.76
N LYS B 131 6.35 -16.07 -8.36
CA LYS B 131 6.68 -15.89 -6.95
C LYS B 131 5.53 -15.24 -6.18
N GLY B 132 5.04 -14.12 -6.70
CA GLY B 132 3.95 -13.41 -6.06
C GLY B 132 2.70 -14.27 -6.01
N ILE B 133 2.44 -15.00 -7.10
CA ILE B 133 1.29 -15.88 -7.18
C ILE B 133 1.39 -17.00 -6.16
N LYS B 134 2.60 -17.53 -5.99
CA LYS B 134 2.83 -18.58 -5.01
C LYS B 134 2.62 -18.09 -3.56
N ALA B 135 2.98 -16.83 -3.29
CA ALA B 135 2.77 -16.27 -1.95
C ALA B 135 1.27 -16.02 -1.70
N LEU B 136 0.58 -15.51 -2.71
CA LEU B 136 -0.85 -15.23 -2.58
C LEU B 136 -1.60 -16.50 -2.20
N GLN B 137 -1.22 -17.60 -2.86
CA GLN B 137 -1.85 -18.91 -2.61
C GLN B 137 -1.93 -19.25 -1.13
N ARG B 138 -0.97 -18.77 -0.36
CA ARG B 138 -0.90 -19.07 1.06
C ARG B 138 -1.92 -18.34 1.93
N VAL B 139 -2.54 -17.28 1.43
CA VAL B 139 -3.45 -16.48 2.26
C VAL B 139 -4.91 -16.47 1.79
N VAL B 140 -5.13 -16.79 0.51
CA VAL B 140 -6.48 -16.81 -0.04
C VAL B 140 -7.25 -18.05 0.42
N ARG B 141 -8.56 -17.91 0.58
CA ARG B 141 -9.40 -19.06 0.87
C ARG B 141 -10.33 -19.43 -0.28
N PHE B 142 -10.77 -18.42 -1.05
CA PHE B 142 -11.73 -18.64 -2.12
C PHE B 142 -12.90 -19.48 -1.66
N SER B 143 -13.60 -19.08 -0.60
CA SER B 143 -14.65 -19.94 -0.06
C SER B 143 -15.97 -19.27 0.24
N PRO B 144 -16.60 -18.63 -0.76
CA PRO B 144 -16.15 -18.51 -2.16
C PRO B 144 -15.33 -17.25 -2.46
N TYR B 145 -15.40 -16.25 -1.58
CA TYR B 145 -14.73 -14.99 -1.83
C TYR B 145 -13.25 -15.14 -1.57
N ILE B 146 -12.46 -14.19 -2.05
CA ILE B 146 -10.99 -14.32 -1.98
C ILE B 146 -10.40 -14.58 -0.58
N ALA B 147 -10.91 -13.91 0.45
CA ALA B 147 -10.38 -14.08 1.82
C ALA B 147 -11.19 -15.02 2.68
N GLY B 148 -12.30 -15.55 2.17
CA GLY B 148 -13.19 -16.32 3.02
C GLY B 148 -14.61 -16.39 2.52
N ASN B 149 -15.56 -16.31 3.45
CA ASN B 149 -16.93 -16.60 3.07
C ASN B 149 -17.80 -15.38 2.84
N VAL B 150 -17.23 -14.18 3.02
CA VAL B 150 -17.96 -12.95 2.72
C VAL B 150 -17.15 -11.97 1.86
N PHE B 151 -17.88 -11.09 1.18
CA PHE B 151 -17.23 -10.10 0.32
C PHE B 151 -16.44 -9.13 1.20
N THR B 152 -15.19 -8.85 0.84
CA THR B 152 -14.40 -7.88 1.59
C THR B 152 -13.62 -6.96 0.65
N LEU B 153 -12.88 -6.04 1.21
CA LEU B 153 -12.00 -5.18 0.45
C LEU B 153 -11.04 -5.98 -0.45
N ALA B 154 -10.64 -7.17 -0.01
CA ALA B 154 -9.71 -7.97 -0.83
C ALA B 154 -10.36 -8.43 -2.13
N ASP B 155 -11.69 -8.55 -2.13
CA ASP B 155 -12.40 -8.87 -3.36
C ASP B 155 -12.41 -7.67 -4.33
N CYS B 156 -12.40 -6.46 -3.78
CA CYS B 156 -12.30 -5.26 -4.64
C CYS B 156 -10.95 -5.26 -5.37
N SER B 157 -9.87 -5.49 -4.64
CA SER B 157 -8.55 -5.56 -5.26
C SER B 157 -8.39 -6.81 -6.12
N GLY B 158 -8.88 -7.94 -5.62
CA GLY B 158 -8.74 -9.20 -6.33
C GLY B 158 -9.43 -9.22 -7.67
N PHE B 159 -10.70 -8.84 -7.70
CA PHE B 159 -11.44 -8.91 -8.95
C PHE B 159 -10.96 -7.82 -9.91
N ALA B 160 -10.68 -6.64 -9.39
CA ALA B 160 -10.24 -5.54 -10.25
C ALA B 160 -8.89 -5.86 -10.90
N HIS B 161 -7.94 -6.34 -10.10
CA HIS B 161 -6.57 -6.48 -10.60
C HIS B 161 -6.27 -7.81 -11.29
N LEU B 162 -6.74 -8.90 -10.74
CA LEU B 162 -6.50 -10.21 -11.30
C LEU B 162 -7.15 -10.40 -12.65
N SER B 163 -8.34 -9.87 -12.84
CA SER B 163 -9.02 -10.03 -14.10
C SER B 163 -8.17 -9.38 -15.15
N VAL B 164 -7.66 -8.21 -14.84
CA VAL B 164 -6.81 -7.50 -15.75
C VAL B 164 -5.52 -8.24 -16.01
N LEU B 165 -4.93 -8.75 -14.98
CA LEU B 165 -3.68 -9.43 -15.15
C LEU B 165 -3.87 -10.62 -16.00
N ASP B 166 -4.96 -11.32 -15.80
CA ASP B 166 -5.13 -12.49 -16.59
C ASP B 166 -5.28 -12.22 -18.08
N GLU B 167 -6.19 -11.35 -18.47
CA GLU B 167 -6.39 -11.11 -19.89
C GLU B 167 -5.21 -10.44 -20.51
N GLU B 168 -4.68 -9.48 -19.81
CA GLU B 168 -3.57 -8.73 -20.27
C GLU B 168 -2.31 -9.52 -20.44
N LEU B 169 -2.18 -10.65 -19.78
CA LEU B 169 -0.98 -11.45 -19.95
C LEU B 169 -1.10 -12.74 -20.76
N ARG B 170 -2.26 -13.03 -21.31
CA ARG B 170 -2.43 -14.25 -22.11
C ARG B 170 -1.53 -14.19 -23.34
N PRO B 171 -1.46 -13.00 -23.98
CA PRO B 171 -0.66 -12.78 -25.18
C PRO B 171 0.84 -12.75 -24.89
N PHE B 172 1.22 -13.10 -23.66
CA PHE B 172 2.63 -13.13 -23.28
C PHE B 172 3.02 -14.50 -22.74
N TYR B 173 2.04 -15.22 -22.21
CA TYR B 173 2.27 -16.55 -21.66
C TYR B 173 1.09 -17.47 -22.02
N PRO B 174 0.95 -17.80 -23.31
CA PRO B 174 -0.14 -18.63 -23.78
C PRO B 174 -0.28 -19.94 -22.98
N ASN B 175 0.81 -20.70 -22.89
CA ASN B 175 0.82 -21.92 -22.08
C ASN B 175 1.62 -21.72 -20.79
N ASN B 176 1.94 -20.46 -20.52
CA ASN B 176 2.92 -20.13 -19.48
C ASN B 176 2.34 -19.33 -18.30
N HIS B 177 1.05 -19.01 -18.36
CA HIS B 177 0.45 -18.03 -17.44
C HIS B 177 0.59 -18.35 -15.95
N PRO B 178 1.27 -17.45 -15.20
CA PRO B 178 1.47 -17.58 -13.76
C PRO B 178 0.14 -17.63 -12.99
N LEU B 179 -0.84 -16.86 -13.44
CA LEU B 179 -2.15 -16.84 -12.79
C LEU B 179 -2.82 -18.21 -12.84
N ASP B 180 -2.35 -19.08 -13.73
CA ASP B 180 -2.87 -20.43 -13.80
C ASP B 180 -2.36 -21.29 -12.65
N LEU B 181 -1.31 -20.83 -11.99
CA LEU B 181 -0.79 -21.51 -10.82
C LEU B 181 -1.64 -21.20 -9.59
N LEU B 182 -2.46 -20.15 -9.67
CA LEU B 182 -3.31 -19.75 -8.56
C LEU B 182 -4.56 -20.62 -8.47
N ASN B 183 -4.49 -21.63 -7.61
CA ASN B 183 -5.59 -22.57 -7.44
C ASN B 183 -6.85 -21.87 -6.95
N GLY B 184 -7.92 -21.99 -7.74
CA GLY B 184 -9.22 -21.43 -7.34
C GLY B 184 -9.58 -20.14 -8.05
N TRP B 185 -8.63 -19.58 -8.79
CA TRP B 185 -8.84 -18.30 -9.49
C TRP B 185 -9.93 -18.27 -10.56
N LYS B 186 -9.91 -19.25 -11.47
CA LYS B 186 -10.86 -19.27 -12.57
C LYS B 186 -12.28 -19.43 -12.07
N GLU B 187 -12.46 -20.34 -11.11
CA GLU B 187 -13.76 -20.55 -10.50
C GLU B 187 -14.24 -19.29 -9.75
N TYR B 188 -13.32 -18.59 -9.10
CA TYR B 188 -13.63 -17.34 -8.41
C TYR B 188 -14.10 -16.28 -9.41
N PHE B 189 -13.32 -16.12 -10.47
CA PHE B 189 -13.65 -15.19 -11.56
C PHE B 189 -15.06 -15.43 -12.08
N VAL B 190 -15.37 -16.70 -12.37
CA VAL B 190 -16.69 -17.08 -12.86
C VAL B 190 -17.77 -16.76 -11.83
N PHE B 191 -17.54 -17.18 -10.60
CA PHE B 191 -18.46 -16.86 -9.52
C PHE B 191 -18.67 -15.33 -9.38
N MET B 192 -17.59 -14.58 -9.31
CA MET B 192 -17.73 -13.12 -9.16
C MET B 192 -18.58 -12.51 -10.29
N LYS B 193 -18.37 -12.97 -11.52
CA LYS B 193 -19.13 -12.44 -12.67
C LYS B 193 -20.65 -12.70 -12.61
N THR B 194 -21.10 -13.59 -11.72
CA THR B 194 -22.53 -13.83 -11.58
C THR B 194 -23.20 -12.84 -10.65
N LYS B 195 -22.38 -12.09 -9.90
CA LYS B 195 -22.89 -11.06 -8.99
C LYS B 195 -23.13 -9.76 -9.75
N ALA B 196 -24.14 -9.01 -9.35
CA ALA B 196 -24.51 -7.82 -10.10
C ALA B 196 -23.40 -6.74 -10.16
N GLY B 197 -22.75 -6.46 -9.03
CA GLY B 197 -21.68 -5.46 -9.00
C GLY B 197 -20.49 -5.80 -9.88
N PRO B 198 -19.86 -6.96 -9.64
CA PRO B 198 -18.74 -7.27 -10.52
C PRO B 198 -19.15 -7.38 -12.00
N ALA B 199 -20.37 -7.83 -12.27
CA ALA B 199 -20.84 -7.96 -13.66
C ALA B 199 -20.94 -6.59 -14.36
N LEU B 200 -21.46 -5.60 -13.65
CA LEU B 200 -21.52 -4.23 -14.17
C LEU B 200 -20.11 -3.68 -14.36
N VAL B 201 -19.24 -3.87 -13.36
CA VAL B 201 -17.86 -3.39 -13.50
C VAL B 201 -17.24 -4.00 -14.74
N GLU B 202 -17.45 -5.29 -14.92
CA GLU B 202 -16.82 -6.02 -16.02
C GLU B 202 -17.42 -5.59 -17.38
N LYS B 203 -18.72 -5.35 -17.39
CA LYS B 203 -19.38 -4.93 -18.63
C LYS B 203 -18.90 -3.53 -19.09
N ASP B 204 -18.82 -2.58 -18.17
CA ASP B 204 -18.32 -1.23 -18.51
C ASP B 204 -16.91 -1.31 -19.04
N LYS B 205 -16.08 -2.15 -18.41
CA LYS B 205 -14.72 -2.29 -18.88
C LYS B 205 -14.72 -2.82 -20.31
N GLN B 206 -15.58 -3.82 -20.56
CA GLN B 206 -15.61 -4.49 -21.87
C GLN B 206 -16.12 -3.58 -22.97
N ILE B 207 -17.14 -2.80 -22.64
CA ILE B 207 -17.67 -1.81 -23.56
C ILE B 207 -16.57 -0.84 -23.94
N LEU B 208 -15.91 -0.26 -22.94
CA LEU B 208 -14.84 0.69 -23.18
C LEU B 208 -13.76 0.08 -24.05
N LYS B 209 -13.45 -1.20 -23.81
CA LYS B 209 -12.43 -1.88 -24.59
C LYS B 209 -12.87 -2.18 -26.03
N LYS B 210 -14.11 -2.59 -26.23
CA LYS B 210 -14.56 -2.80 -27.57
C LYS B 210 -14.56 -1.47 -28.30
N ILE B 211 -14.99 -0.43 -27.61
CA ILE B 211 -15.12 0.88 -28.21
C ILE B 211 -13.83 1.46 -28.67
N LEU B 212 -12.90 1.54 -27.77
CA LEU B 212 -11.64 2.11 -28.11
C LEU B 212 -10.82 1.01 -28.71
N ALA B 213 -11.47 0.00 -29.25
CA ALA B 213 -10.69 -1.08 -29.79
C ALA B 213 -10.24 -0.82 -31.21
N ARG B 214 -9.05 -0.24 -31.32
CA ARG B 214 -8.43 0.00 -32.61
C ARG B 214 -6.92 -0.27 -32.52
N ALA B 215 -6.50 -1.37 -33.14
CA ALA B 215 -5.11 -1.78 -33.09
C ALA B 215 -4.18 -0.90 -33.92
N1 GSH C . 5.56 -3.99 1.58
N1 GSH C . 5.60 -4.01 1.59
CA1 GSH C . 6.37 -4.67 2.55
CA1 GSH C . 6.42 -4.69 2.57
C1 GSH C . 5.98 -4.19 3.90
C1 GSH C . 5.99 -4.21 3.91
O11 GSH C . 5.34 -3.17 4.05
O11 GSH C . 5.35 -3.19 4.03
O12 GSH C . 6.29 -4.81 4.90
O12 GSH C . 6.30 -4.82 4.91
CB1 GSH C . 7.80 -4.27 2.29
CB1 GSH C . 7.86 -4.29 2.32
CG1 GSH C . 8.71 -5.12 3.13
CG1 GSH C . 8.79 -5.16 3.14
CD1 GSH C . 10.09 -5.14 2.54
CD1 GSH C . 10.17 -5.13 2.56
OE1 GSH C . 10.32 -4.81 1.21
OE1 GSH C . 10.36 -4.84 1.22
N2 GSH C . 11.06 -5.48 3.35
N2 GSH C . 11.17 -5.36 3.40
CA2 GSH C . 12.39 -5.64 2.87
CA2 GSH C . 12.52 -5.53 2.93
C2 GSH C . 12.67 -7.08 2.62
C2 GSH C . 12.71 -7.00 2.65
O2 GSH C . 12.30 -8.00 3.57
O2 GSH C . 12.30 -7.92 3.58
CB2 GSH C . 13.33 -5.05 3.90
CB2 GSH C . 13.50 -4.91 3.94
SG2 GSH C . 14.92 -5.89 3.81
SG2 GSH C . 13.58 -3.07 3.98
N3 GSH C . 13.20 -7.46 1.47
N3 GSH C . 13.21 -7.37 1.49
CA3 GSH C . 13.51 -8.82 1.16
CA3 GSH C . 13.50 -8.75 1.19
C3 GSH C . 12.91 -9.23 -0.14
C3 GSH C . 12.91 -9.18 -0.12
O31 GSH C . 13.02 -10.38 -0.57
O31 GSH C . 13.03 -10.34 -0.54
O32 GSH C . 12.29 -8.40 -0.82
O32 GSH C . 12.29 -8.37 -0.82
S SO4 D . 8.17 11.33 24.35
O1 SO4 D . 9.56 10.95 24.60
O2 SO4 D . 8.07 12.78 24.28
O3 SO4 D . 7.68 10.74 23.09
O4 SO4 D . 7.34 10.84 25.45
S SO4 E . -5.51 6.23 26.35
O1 SO4 E . -4.56 5.14 26.20
O2 SO4 E . -4.84 7.50 26.58
O3 SO4 E . -6.34 6.32 25.16
O4 SO4 E . -6.37 5.93 27.50
S SO4 F . 12.93 22.12 6.63
O1 SO4 F . 14.20 22.74 6.85
O2 SO4 F . 12.01 23.08 6.09
O3 SO4 F . 13.18 21.01 5.76
O4 SO4 F . 12.44 21.76 7.94
C1 GOL G . -0.18 -5.12 26.32
O1 GOL G . -1.06 -5.77 27.17
C2 GOL G . 1.20 -5.73 26.37
O2 GOL G . 2.14 -4.70 26.32
C3 GOL G . 1.41 -6.58 25.15
O3 GOL G . 2.79 -6.83 24.99
CL CL H . 18.23 -5.29 15.11
C1 GOL I . 15.81 -2.84 21.74
O1 GOL I . 15.13 -1.72 21.26
C2 GOL I . 15.18 -4.04 21.11
O2 GOL I . 14.43 -4.68 22.11
C3 GOL I . 16.29 -4.97 20.66
O3 GOL I . 16.36 -5.05 19.26
C1 GOL J . 2.54 24.51 18.41
O1 GOL J . 1.84 24.59 19.64
C2 GOL J . 1.65 23.85 17.36
O2 GOL J . 1.30 22.56 17.81
C3 GOL J . 2.31 23.80 15.97
O3 GOL J . 3.46 22.99 15.97
UNK UNX K . 13.75 -2.39 3.91
N1 GSH L . -2.06 3.86 -5.78
N1 GSH L . -2.07 3.86 -5.83
CA1 GSH L . -3.09 4.46 -6.57
CA1 GSH L . -3.11 4.46 -6.60
C1 GSH L . -4.41 3.97 -6.09
C1 GSH L . -4.42 3.98 -6.10
O11 GSH L . -4.48 2.94 -5.47
O11 GSH L . -4.49 2.95 -5.47
O12 GSH L . -5.43 4.61 -6.30
O12 GSH L . -5.44 4.61 -6.30
CB1 GSH L . -2.92 4.01 -7.99
CB1 GSH L . -2.96 4.02 -8.03
CG1 GSH L . -3.90 4.73 -8.89
CG1 GSH L . -3.92 4.76 -8.94
CD1 GSH L . -3.36 4.77 -10.30
CD1 GSH L . -3.40 4.74 -10.35
OE1 GSH L . -2.03 4.47 -10.58
OE1 GSH L . -2.05 4.50 -10.59
N2 GSH L . -4.22 5.12 -11.23
N2 GSH L . -4.27 4.94 -11.31
CA2 GSH L . -3.79 5.18 -12.60
CA2 GSH L . -3.81 4.90 -12.68
C2 GSH L . -3.46 6.59 -12.93
C2 GSH L . -3.47 6.35 -12.99
O2 GSH L . -4.30 7.58 -12.52
O2 GSH L . -4.25 7.40 -12.57
CB2 GSH L . -4.87 4.56 -13.46
CB2 GSH L . -4.76 4.08 -13.61
SG2 GSH L . -4.85 5.14 -15.17
SG2 GSH L . -4.80 2.23 -13.56
N3 GSH L . -2.36 6.84 -13.59
N3 GSH L . -2.35 6.65 -13.62
CA3 GSH L . -2.06 8.18 -13.99
CA3 GSH L . -2.10 8.04 -13.93
C3 GSH L . -0.69 8.65 -13.57
C3 GSH L . -0.73 8.55 -13.56
O31 GSH L . 0.06 7.92 -12.95
O31 GSH L . 0.05 7.84 -12.95
O32 GSH L . -0.28 9.77 -13.84
O32 GSH L . -0.35 9.68 -13.83
S SO4 M . -9.18 -22.64 -10.96
O1 SO4 M . -8.29 -21.55 -11.36
O2 SO4 M . -8.53 -23.44 -9.93
O3 SO4 M . -10.45 -22.14 -10.44
O4 SO4 M . -9.46 -23.46 -12.14
C1 GOL N . -24.10 -10.31 -0.99
O1 GOL N . -23.56 -10.94 -2.11
C2 GOL N . -23.44 -8.97 -0.76
O2 GOL N . -22.07 -9.09 -0.51
C3 GOL N . -24.15 -8.30 0.39
O3 GOL N . -23.67 -8.75 1.64
CL CL O . -15.64 4.93 -18.31
UNK UNX P . -4.76 1.54 -13.42
#